data_3NTW
#
_entry.id   3NTW
#
_cell.length_a   95.794
_cell.length_b   95.794
_cell.length_c   82.936
_cell.angle_alpha   90.00
_cell.angle_beta   90.00
_cell.angle_gamma   120.00
#
_symmetry.space_group_name_H-M   'P 64 2 2'
#
loop_
_entity.id
_entity.type
_entity.pdbx_description
1 polymer 'E3 ubiquitin-protein ligase UBR5'
2 polymer 'Polyadenylate-binding protein-interacting protein 1'
3 water water
#
loop_
_entity_poly.entity_id
_entity_poly.type
_entity_poly.pdbx_seq_one_letter_code
_entity_poly.pdbx_strand_id
1 'polypeptide(L)' GPLGSHRQALGERLYPRVQAMQPAFASKITGMLLELSPAQLLLLLASEDSLRARVEEAMELIVAH A,C
2 'polypeptide(L)' VLMSKLSVNAPEFYPSGYSSSY B,D
#
# COMPACT_ATOMS: atom_id res chain seq x y z
N GLY A 4 14.01 -7.41 -5.01
CA GLY A 4 14.92 -8.00 -6.05
C GLY A 4 14.70 -7.48 -7.49
N SER A 5 15.75 -7.51 -8.30
CA SER A 5 15.62 -7.05 -9.68
C SER A 5 14.51 -7.76 -10.49
N HIS A 6 14.32 -9.07 -10.25
CA HIS A 6 13.38 -9.86 -11.05
C HIS A 6 11.94 -9.68 -10.65
N ARG A 7 11.70 -9.76 -9.35
CA ARG A 7 10.38 -9.51 -8.78
C ARG A 7 9.89 -8.05 -9.07
N GLN A 8 10.81 -7.12 -9.27
CA GLN A 8 10.46 -5.72 -9.57
C GLN A 8 9.87 -5.65 -10.98
N ALA A 9 10.53 -6.34 -11.91
CA ALA A 9 10.09 -6.44 -13.32
C ALA A 9 8.72 -7.09 -13.36
N LEU A 10 8.50 -8.05 -12.48
CA LEU A 10 7.25 -8.78 -12.42
C LEU A 10 6.25 -7.81 -11.94
N GLY A 11 6.55 -7.22 -10.80
CA GLY A 11 5.68 -6.24 -10.19
C GLY A 11 5.29 -5.12 -11.13
N GLU A 12 6.27 -4.61 -11.91
CA GLU A 12 5.97 -3.55 -12.93
C GLU A 12 4.95 -4.03 -13.97
N ARG A 13 5.05 -5.29 -14.41
CA ARG A 13 4.07 -5.78 -15.37
CA ARG A 13 4.09 -5.83 -15.37
C ARG A 13 2.71 -6.01 -14.71
N LEU A 14 2.73 -6.44 -13.46
CA LEU A 14 1.49 -6.74 -12.75
C LEU A 14 0.73 -5.50 -12.27
N TYR A 15 1.49 -4.46 -11.90
CA TYR A 15 0.93 -3.30 -11.20
C TYR A 15 -0.18 -2.60 -11.95
N PRO A 16 0.09 -2.20 -13.21
CA PRO A 16 -1.07 -1.52 -13.81
C PRO A 16 -2.28 -2.47 -13.93
N ARG A 17 -2.07 -3.78 -13.97
CA ARG A 17 -3.23 -4.66 -14.17
C ARG A 17 -4.10 -4.76 -12.91
N VAL A 18 -3.43 -4.69 -11.75
CA VAL A 18 -4.06 -4.69 -10.44
C VAL A 18 -4.68 -3.34 -10.22
N GLN A 19 -3.99 -2.30 -10.67
CA GLN A 19 -4.54 -0.96 -10.51
C GLN A 19 -5.87 -0.80 -11.27
N ALA A 20 -5.98 -1.36 -12.46
CA ALA A 20 -7.25 -1.35 -13.19
C ALA A 20 -8.40 -1.89 -12.35
N MET A 21 -8.15 -2.81 -11.41
CA MET A 21 -9.27 -3.36 -10.63
C MET A 21 -9.34 -2.78 -9.21
N GLN A 22 -8.21 -2.33 -8.66
CA GLN A 22 -8.23 -1.72 -7.31
C GLN A 22 -7.40 -0.48 -7.28
N PRO A 23 -7.95 0.61 -7.78
CA PRO A 23 -7.05 1.74 -7.96
C PRO A 23 -6.42 2.10 -6.59
N ALA A 24 -7.21 2.04 -5.53
CA ALA A 24 -6.72 2.54 -4.26
C ALA A 24 -5.70 1.68 -3.53
N PHE A 25 -5.65 0.38 -3.82
CA PHE A 25 -4.75 -0.52 -3.10
C PHE A 25 -3.81 -1.29 -4.00
N ALA A 26 -3.51 -0.74 -5.16
CA ALA A 26 -2.67 -1.41 -6.11
C ALA A 26 -1.25 -1.74 -5.59
N SER A 27 -0.61 -0.80 -4.91
CA SER A 27 0.70 -1.06 -4.34
C SER A 27 0.67 -2.18 -3.29
N LYS A 28 -0.37 -2.23 -2.48
CA LYS A 28 -0.38 -3.17 -1.39
C LYS A 28 -0.61 -4.50 -1.99
N ILE A 29 -1.64 -4.57 -2.84
CA ILE A 29 -2.02 -5.81 -3.45
C ILE A 29 -0.92 -6.41 -4.34
N THR A 30 -0.22 -5.59 -5.11
CA THR A 30 0.81 -6.16 -5.96
C THR A 30 1.87 -6.82 -5.09
N GLY A 31 2.27 -6.18 -3.99
CA GLY A 31 3.33 -6.70 -3.15
C GLY A 31 2.94 -7.99 -2.53
N MET A 32 1.66 -8.11 -2.16
CA MET A 32 1.15 -9.32 -1.60
C MET A 32 1.21 -10.43 -2.65
N LEU A 33 0.72 -10.11 -3.84
CA LEU A 33 0.74 -11.06 -4.94
C LEU A 33 2.11 -11.60 -5.23
N LEU A 34 3.12 -10.78 -5.05
CA LEU A 34 4.45 -11.23 -5.43
C LEU A 34 5.01 -12.22 -4.45
N GLU A 35 4.21 -12.66 -3.47
CA GLU A 35 4.69 -13.66 -2.52
C GLU A 35 4.25 -15.05 -2.93
N LEU A 36 3.42 -15.12 -3.98
CA LEU A 36 2.94 -16.43 -4.49
C LEU A 36 4.03 -17.27 -5.18
N SER A 37 3.81 -18.58 -5.29
CA SER A 37 4.76 -19.42 -5.99
C SER A 37 4.89 -18.96 -7.42
N PRO A 38 5.99 -19.34 -8.05
CA PRO A 38 6.32 -18.94 -9.39
C PRO A 38 5.13 -19.29 -10.32
N ALA A 39 4.61 -20.48 -10.04
CA ALA A 39 3.53 -21.10 -10.85
C ALA A 39 2.30 -20.24 -10.80
N GLN A 40 1.93 -19.83 -9.58
CA GLN A 40 0.75 -18.98 -9.41
C GLN A 40 0.93 -17.60 -10.01
N LEU A 41 2.14 -17.06 -9.96
CA LEU A 41 2.47 -15.80 -10.66
C LEU A 41 2.35 -15.85 -12.17
N LEU A 42 2.86 -16.92 -12.73
CA LEU A 42 2.73 -17.15 -14.15
C LEU A 42 1.24 -17.17 -14.53
N LEU A 43 0.48 -17.95 -13.81
CA LEU A 43 -0.93 -18.01 -14.07
C LEU A 43 -1.56 -16.64 -14.00
N LEU A 44 -1.12 -15.79 -13.06
CA LEU A 44 -1.65 -14.45 -12.89
C LEU A 44 -1.37 -13.58 -14.06
N LEU A 45 -0.18 -13.73 -14.60
CA LEU A 45 0.21 -12.96 -15.77
C LEU A 45 -0.61 -13.37 -16.98
N ALA A 46 -0.90 -14.67 -17.05
CA ALA A 46 -1.53 -15.28 -18.19
C ALA A 46 -3.03 -15.19 -18.17
N SER A 47 -3.63 -14.88 -17.02
CA SER A 47 -5.04 -15.07 -16.90
C SER A 47 -5.73 -13.95 -16.13
N GLU A 48 -6.51 -13.15 -16.86
CA GLU A 48 -7.27 -12.05 -16.31
C GLU A 48 -8.12 -12.53 -15.15
N ASP A 49 -8.81 -13.65 -15.35
CA ASP A 49 -9.80 -14.14 -14.38
C ASP A 49 -9.13 -14.65 -13.10
N SER A 50 -7.91 -15.12 -13.28
CA SER A 50 -7.17 -15.72 -12.23
C SER A 50 -6.63 -14.59 -11.34
N LEU A 51 -6.12 -13.56 -12.00
CA LEU A 51 -5.72 -12.35 -11.30
C LEU A 51 -6.90 -11.71 -10.56
N ARG A 52 -8.04 -11.52 -11.22
CA ARG A 52 -9.19 -10.99 -10.49
C ARG A 52 -9.44 -11.74 -9.19
N ALA A 53 -9.39 -13.08 -9.24
CA ALA A 53 -9.63 -13.92 -8.07
C ALA A 53 -8.63 -13.59 -6.95
N ARG A 54 -7.37 -13.38 -7.30
CA ARG A 54 -6.31 -13.10 -6.32
C ARG A 54 -6.43 -11.74 -5.73
N VAL A 55 -6.72 -10.78 -6.60
CA VAL A 55 -7.01 -9.42 -6.19
C VAL A 55 -8.18 -9.37 -5.22
N GLU A 56 -9.34 -9.98 -5.54
CA GLU A 56 -10.40 -9.95 -4.55
C GLU A 56 -10.03 -10.71 -3.27
N GLU A 57 -9.31 -11.80 -3.39
CA GLU A 57 -8.75 -12.52 -2.25
C GLU A 57 -7.94 -11.62 -1.37
N ALA A 58 -7.03 -10.89 -2.01
CA ALA A 58 -6.16 -9.94 -1.33
C ALA A 58 -6.97 -8.82 -0.65
N MET A 59 -7.94 -8.27 -1.37
CA MET A 59 -8.88 -7.29 -0.83
C MET A 59 -9.51 -7.72 0.50
N GLU A 60 -10.11 -8.91 0.61
CA GLU A 60 -10.76 -9.14 1.92
C GLU A 60 -9.85 -9.69 3.04
N LEU A 61 -8.60 -10.01 2.69
CA LEU A 61 -7.55 -10.22 3.70
C LEU A 61 -7.16 -8.90 4.35
N ILE A 62 -7.15 -7.85 3.56
CA ILE A 62 -6.89 -6.49 4.02
C ILE A 62 -8.04 -5.98 4.91
N VAL A 63 -9.27 -6.00 4.40
CA VAL A 63 -10.40 -5.41 5.12
C VAL A 63 -10.98 -6.35 6.21
N ALA A 64 -10.27 -7.44 6.48
CA ALA A 64 -10.59 -8.33 7.64
C ALA A 64 -9.33 -9.09 8.06
N LYS B 5 -0.49 -19.00 -0.27
CA LYS B 5 -0.90 -18.27 0.96
C LYS B 5 -0.56 -16.78 0.98
N LEU B 6 -1.63 -15.97 0.95
CA LEU B 6 -1.53 -14.53 0.86
C LEU B 6 -1.39 -13.90 2.24
N SER B 7 -0.67 -12.79 2.25
CA SER B 7 0.13 -12.34 3.35
C SER B 7 0.00 -10.83 3.55
N VAL B 8 -0.80 -10.41 4.51
CA VAL B 8 -0.98 -8.97 4.78
C VAL B 8 0.32 -8.24 5.16
N ASN B 9 1.34 -9.01 5.53
CA ASN B 9 2.64 -8.47 5.90
C ASN B 9 3.61 -8.37 4.73
N ALA B 10 3.19 -8.70 3.52
CA ALA B 10 4.10 -8.57 2.39
C ALA B 10 4.57 -7.11 2.28
N PRO B 11 5.79 -6.86 1.75
CA PRO B 11 6.08 -5.45 1.50
C PRO B 11 5.13 -4.90 0.43
N GLU B 12 4.88 -3.60 0.51
CA GLU B 12 4.12 -2.89 -0.50
C GLU B 12 5.05 -2.81 -1.69
N PHE B 13 4.50 -2.70 -2.88
CA PHE B 13 5.32 -2.64 -4.06
C PHE B 13 5.29 -1.24 -4.51
N TYR B 14 6.41 -0.77 -5.08
CA TYR B 14 6.57 0.60 -5.49
C TYR B 14 6.94 0.72 -6.96
N PRO B 15 6.00 1.13 -7.85
CA PRO B 15 6.35 1.31 -9.26
C PRO B 15 7.45 2.34 -9.48
N SER B 16 7.86 2.59 -10.72
CA SER B 16 8.90 3.59 -10.96
C SER B 16 8.46 4.88 -11.60
N ALA C 9 9.10 16.01 -0.03
CA ALA C 9 9.90 16.45 1.12
C ALA C 9 9.11 16.06 2.35
N LEU C 10 7.83 16.42 2.44
CA LEU C 10 7.12 16.06 3.68
C LEU C 10 6.89 14.54 3.82
N GLY C 11 6.39 13.91 2.74
CA GLY C 11 6.24 12.47 2.71
C GLY C 11 7.55 11.77 3.07
N GLU C 12 8.67 12.26 2.53
CA GLU C 12 10.01 11.69 2.77
C GLU C 12 10.32 11.66 4.26
N ARG C 13 10.01 12.79 4.89
CA ARG C 13 10.18 13.06 6.32
C ARG C 13 9.25 12.18 7.15
N LEU C 14 8.00 12.11 6.73
CA LEU C 14 6.93 11.35 7.40
C LEU C 14 7.01 9.82 7.29
N TYR C 15 7.42 9.34 6.12
CA TYR C 15 7.33 7.97 5.79
C TYR C 15 8.03 7.07 6.79
N PRO C 16 9.32 7.34 7.06
CA PRO C 16 10.03 6.43 7.97
C PRO C 16 9.36 6.37 9.32
N ARG C 17 8.64 7.43 9.64
CA ARG C 17 7.98 7.54 10.95
C ARG C 17 6.76 6.67 11.01
N VAL C 18 6.06 6.62 9.89
CA VAL C 18 4.90 5.81 9.81
C VAL C 18 5.37 4.35 9.69
N GLN C 19 6.50 4.09 9.01
CA GLN C 19 6.96 2.69 8.85
C GLN C 19 7.14 2.11 10.20
N ALA C 20 7.85 2.88 11.03
CA ALA C 20 8.12 2.49 12.39
C ALA C 20 6.88 1.97 13.11
N MET C 21 5.70 2.51 12.82
CA MET C 21 4.50 2.07 13.52
C MET C 21 3.72 1.03 12.73
N GLN C 22 3.72 1.16 11.40
CA GLN C 22 2.96 0.23 10.56
C GLN C 22 3.81 -0.20 9.38
N PRO C 23 4.74 -1.13 9.60
CA PRO C 23 5.61 -1.29 8.46
C PRO C 23 4.83 -1.79 7.22
N ALA C 24 3.73 -2.54 7.41
CA ALA C 24 3.03 -3.16 6.29
C ALA C 24 2.20 -2.22 5.40
N PHE C 25 1.83 -1.06 5.91
CA PHE C 25 0.97 -0.12 5.22
C PHE C 25 1.57 1.30 5.22
N ALA C 26 2.88 1.36 5.32
CA ALA C 26 3.56 2.63 5.45
C ALA C 26 3.27 3.52 4.28
N SER C 27 3.29 2.96 3.08
CA SER C 27 3.06 3.74 1.89
C SER C 27 1.60 4.18 1.72
N LYS C 28 0.66 3.30 2.05
CA LYS C 28 -0.73 3.65 1.95
C LYS C 28 -1.02 4.76 2.93
N ILE C 29 -0.61 4.56 4.19
CA ILE C 29 -0.87 5.52 5.27
C ILE C 29 -0.20 6.90 5.12
N THR C 30 1.04 6.95 4.69
CA THR C 30 1.63 8.25 4.42
C THR C 30 0.81 8.99 3.37
N GLY C 31 0.43 8.31 2.30
CA GLY C 31 -0.32 9.01 1.25
C GLY C 31 -1.60 9.61 1.78
N MET C 32 -2.27 8.89 2.66
CA MET C 32 -3.54 9.34 3.22
C MET C 32 -3.28 10.51 4.10
N LEU C 33 -2.25 10.40 4.93
CA LEU C 33 -1.92 11.52 5.81
C LEU C 33 -1.56 12.78 5.07
N LEU C 34 -0.97 12.65 3.87
CA LEU C 34 -0.56 13.82 3.11
C LEU C 34 -1.74 14.60 2.61
N GLU C 35 -2.95 14.12 2.93
CA GLU C 35 -4.17 14.82 2.53
C GLU C 35 -4.60 15.83 3.56
N LEU C 36 -3.86 15.90 4.67
CA LEU C 36 -4.23 16.75 5.78
C LEU C 36 -3.77 18.18 5.51
N SER C 37 -4.25 19.13 6.30
CA SER C 37 -3.82 20.51 6.11
C SER C 37 -2.32 20.49 6.37
N PRO C 38 -1.60 21.44 5.81
CA PRO C 38 -0.21 21.54 6.23
C PRO C 38 0.03 21.74 7.72
N ALA C 39 -0.88 22.41 8.45
CA ALA C 39 -0.62 22.61 9.86
C ALA C 39 -0.73 21.26 10.52
N GLN C 40 -1.71 20.45 10.12
CA GLN C 40 -1.89 19.13 10.72
C GLN C 40 -0.65 18.34 10.49
N LEU C 41 -0.09 18.46 9.29
CA LEU C 41 1.09 17.70 8.98
C LEU C 41 2.31 18.17 9.75
N LEU C 42 2.49 19.46 9.96
CA LEU C 42 3.61 19.81 10.84
C LEU C 42 3.43 19.18 12.22
N LEU C 43 2.21 19.23 12.77
CA LEU C 43 1.94 18.62 14.06
C LEU C 43 2.39 17.17 14.07
N LEU C 44 2.05 16.46 13.01
CA LEU C 44 2.32 15.04 12.95
C LEU C 44 3.83 14.77 12.88
N LEU C 45 4.58 15.59 12.17
CA LEU C 45 6.03 15.42 12.25
C LEU C 45 6.56 15.80 13.62
N ALA C 46 5.92 16.72 14.32
CA ALA C 46 6.47 17.22 15.55
C ALA C 46 6.13 16.29 16.72
N SER C 47 4.93 15.69 16.67
CA SER C 47 4.39 15.00 17.83
C SER C 47 4.22 13.51 17.52
N GLU C 48 5.04 12.68 18.14
CA GLU C 48 4.87 11.26 17.94
C GLU C 48 3.49 10.78 18.31
N ASP C 49 2.89 11.36 19.34
CA ASP C 49 1.60 10.90 19.78
C ASP C 49 0.49 11.31 18.90
N SER C 50 0.60 12.52 18.31
CA SER C 50 -0.39 12.98 17.36
C SER C 50 -0.34 12.08 16.15
N LEU C 51 0.87 11.78 15.68
CA LEU C 51 1.07 10.90 14.55
C LEU C 51 0.41 9.54 14.81
N ARG C 52 0.77 8.93 15.95
CA ARG C 52 0.24 7.64 16.36
C ARG C 52 -1.28 7.62 16.29
N ALA C 53 -1.92 8.72 16.68
CA ALA C 53 -3.37 8.75 16.67
C ALA C 53 -3.89 8.76 15.22
N ARG C 54 -3.20 9.48 14.32
CA ARG C 54 -3.65 9.55 12.93
C ARG C 54 -3.34 8.25 12.23
N VAL C 55 -2.19 7.63 12.52
CA VAL C 55 -1.86 6.30 11.94
C VAL C 55 -2.97 5.31 12.34
N GLU C 56 -3.30 5.29 13.64
CA GLU C 56 -4.38 4.42 14.08
C GLU C 56 -5.69 4.74 13.37
N GLU C 57 -6.05 6.01 13.25
CA GLU C 57 -7.27 6.31 12.53
C GLU C 57 -7.21 5.80 11.11
N ALA C 58 -6.06 5.96 10.46
CA ALA C 58 -5.88 5.52 9.06
C ALA C 58 -6.05 4.02 8.95
N MET C 59 -5.40 3.30 9.84
CA MET C 59 -5.50 1.85 9.88
C MET C 59 -6.99 1.37 9.93
N GLU C 60 -7.81 1.96 10.80
CA GLU C 60 -9.21 1.51 10.91
C GLU C 60 -10.04 1.89 9.70
N LEU C 61 -9.65 2.95 9.00
CA LEU C 61 -10.40 3.35 7.82
C LEU C 61 -10.11 2.30 6.73
N ILE C 62 -8.87 1.83 6.72
CA ILE C 62 -8.42 0.76 5.80
C ILE C 62 -9.17 -0.57 6.02
N VAL C 63 -9.09 -1.11 7.25
CA VAL C 63 -9.75 -2.41 7.52
C VAL C 63 -11.29 -2.32 7.70
N ALA C 64 -11.89 -1.22 7.23
CA ALA C 64 -13.36 -1.06 7.19
C ALA C 64 -13.83 -0.91 5.75
N SER D 4 -9.34 17.10 9.29
CA SER D 4 -10.06 15.88 9.78
C SER D 4 -10.70 14.98 8.70
N LYS D 5 -10.38 15.20 7.40
CA LYS D 5 -11.08 14.51 6.30
C LYS D 5 -10.24 13.39 5.65
N LEU D 6 -10.04 12.28 6.36
CA LEU D 6 -9.11 11.22 5.92
C LEU D 6 -9.74 10.20 4.97
N SER D 7 -9.08 9.98 3.83
CA SER D 7 -9.72 9.20 2.78
C SER D 7 -8.93 8.01 2.29
N VAL D 8 -9.59 6.87 2.38
CA VAL D 8 -9.01 5.63 1.90
C VAL D 8 -8.59 5.68 0.40
N ASN D 9 -9.17 6.58 -0.38
CA ASN D 9 -8.78 6.67 -1.81
C ASN D 9 -7.60 7.58 -2.07
N ALA D 10 -7.01 8.17 -1.05
CA ALA D 10 -5.79 8.95 -1.26
C ALA D 10 -4.78 8.16 -2.16
N PRO D 11 -3.95 8.88 -2.92
CA PRO D 11 -2.84 8.16 -3.55
C PRO D 11 -1.86 7.60 -2.50
N GLU D 12 -1.32 6.42 -2.76
CA GLU D 12 -0.25 5.88 -1.92
C GLU D 12 0.96 6.81 -2.09
N PHE D 13 1.84 6.87 -1.10
CA PHE D 13 3.01 7.71 -1.25
C PHE D 13 4.22 6.82 -1.50
N TYR D 14 5.06 7.12 -2.49
CA TYR D 14 6.24 6.29 -2.76
C TYR D 14 7.53 7.04 -2.46
N PRO D 15 8.34 6.57 -1.50
CA PRO D 15 9.56 7.33 -1.11
C PRO D 15 10.55 7.33 -2.26
N SER D 16 11.73 7.94 -2.11
CA SER D 16 12.78 7.94 -3.17
C SER D 16 13.89 6.89 -3.03
N GLY D 17 13.83 5.84 -3.84
CA GLY D 17 14.87 4.79 -3.92
C GLY D 17 14.28 3.40 -4.10
#